data_6CWR
#
_entry.id   6CWR
#
_cell.length_a   32.543
_cell.length_b   65.834
_cell.length_c   71.919
_cell.angle_alpha   90.000
_cell.angle_beta   90.000
_cell.angle_gamma   90.000
#
_symmetry.space_group_name_H-M   'P 21 21 21'
#
loop_
_entity.id
_entity.type
_entity.pdbx_description
1 polymer 'Surface (S-) layer glycoprotein'
2 non-polymer 'methyl 2-(acetylamino)-4,6-O-[(1S)-1-carboxyethylidene]-2-deoxy-beta-D-mannopyranoside'
3 water water
#
_entity_poly.entity_id   1
_entity_poly.type   'polypeptide(L)'
_entity_poly.pdbx_seq_one_letter_code
;VAFGADAAKTTQEKFDALKEAGVFSAYPGTTDAKLGQDMTRAEFAKVLVKLFGLKEIHGQYSYKDKNYDAKNWAAPFIEA
VTAEGLMQAKDLTKKIFDFNGKITVEEASKTLVTALKLEPVKDAQNKATDWAKGYFEAAVNAGLFSKDANPKANATRAQL
VEAAFAADEMSKGSGSHHHHHH
;
_entity_poly.pdbx_strand_id   A
#
loop_
_chem_comp.id
_chem_comp.type
_chem_comp.name
_chem_comp.formula
6LA D-saccharide 'methyl 2-(acetylamino)-4,6-O-[(1S)-1-carboxyethylidene]-2-deoxy-beta-D-mannopyranoside' 'C12 H19 N O8'
#
# COMPACT_ATOMS: atom_id res chain seq x y z
N ALA A 8 18.14 3.49 -16.09
CA ALA A 8 16.91 2.88 -15.45
C ALA A 8 17.23 2.19 -14.11
N LYS A 9 16.74 2.71 -13.00
CA LYS A 9 17.14 2.21 -11.67
C LYS A 9 16.64 0.77 -11.40
N THR A 10 17.50 -0.05 -10.79
CA THR A 10 17.10 -1.38 -10.33
C THR A 10 16.15 -1.26 -9.14
N THR A 11 15.48 -2.38 -8.82
CA THR A 11 14.58 -2.37 -7.66
C THR A 11 15.40 -2.04 -6.39
N GLN A 12 16.60 -2.62 -6.27
CA GLN A 12 17.43 -2.29 -5.12
C GLN A 12 17.74 -0.80 -5.06
N GLU A 13 18.06 -0.18 -6.22
CA GLU A 13 18.35 1.26 -6.23
C GLU A 13 17.12 2.07 -5.83
N LYS A 14 15.96 1.67 -6.33
CA LYS A 14 14.72 2.35 -5.94
C LYS A 14 14.45 2.19 -4.44
N PHE A 15 14.66 0.99 -3.90
CA PHE A 15 14.47 0.78 -2.48
C PHE A 15 15.41 1.66 -1.67
N ASP A 16 16.68 1.73 -2.08
CA ASP A 16 17.66 2.53 -1.37
C ASP A 16 17.26 4.00 -1.38
N ALA A 17 16.77 4.49 -2.51
CA ALA A 17 16.30 5.90 -2.58
C ALA A 17 15.12 6.11 -1.62
N LEU A 18 14.14 5.21 -1.68
CA LEU A 18 12.99 5.35 -0.83
C LEU A 18 13.32 5.17 0.68
N LYS A 19 14.29 4.30 0.98
CA LYS A 19 14.73 4.13 2.37
C LYS A 19 15.41 5.41 2.88
N GLU A 20 16.27 6.02 2.08
CA GLU A 20 16.91 7.27 2.47
C GLU A 20 15.89 8.40 2.66
N ALA A 21 14.83 8.37 1.86
CA ALA A 21 13.72 9.31 1.96
C ALA A 21 12.77 9.07 3.15
N GLY A 22 12.97 7.97 3.88
CA GLY A 22 12.15 7.62 5.02
C GLY A 22 10.82 6.96 4.65
N VAL A 23 10.64 6.58 3.38
CA VAL A 23 9.39 6.02 2.91
C VAL A 23 9.29 4.53 3.15
N PHE A 24 10.36 3.80 2.84
CA PHE A 24 10.44 2.38 3.12
C PHE A 24 11.44 2.12 4.23
N SER A 25 11.18 1.05 4.98
CA SER A 25 12.07 0.51 5.98
C SER A 25 12.59 -0.85 5.56
N ALA A 26 13.69 -1.27 6.17
CA ALA A 26 14.13 -2.65 6.09
C ALA A 26 13.06 -3.57 6.66
N TYR A 27 13.23 -4.85 6.38
CA TYR A 27 12.33 -5.87 6.88
C TYR A 27 12.41 -5.90 8.41
N PRO A 28 11.26 -5.98 9.11
CA PRO A 28 11.24 -5.84 10.56
C PRO A 28 12.25 -6.70 11.28
N GLY A 29 13.03 -6.03 12.14
CA GLY A 29 14.02 -6.70 13.00
C GLY A 29 15.35 -6.96 12.33
N THR A 30 15.51 -6.43 11.11
CA THR A 30 16.69 -6.67 10.27
C THR A 30 17.07 -5.39 9.60
N THR A 31 18.23 -5.41 8.98
CA THR A 31 18.66 -4.35 8.06
C THR A 31 18.56 -4.75 6.59
N ASP A 32 17.88 -5.87 6.31
N ASP A 32 17.86 -5.85 6.30
CA ASP A 32 17.78 -6.46 4.99
CA ASP A 32 17.79 -6.48 4.98
C ASP A 32 16.57 -5.89 4.25
C ASP A 32 16.56 -5.94 4.24
N ALA A 33 16.74 -5.58 2.97
CA ALA A 33 15.64 -5.12 2.13
C ALA A 33 14.59 -6.20 1.94
N LYS A 34 15.02 -7.45 1.89
CA LYS A 34 14.16 -8.62 1.73
C LYS A 34 13.11 -8.40 0.66
N LEU A 35 13.58 -8.15 -0.56
CA LEU A 35 12.67 -7.73 -1.64
C LEU A 35 11.70 -8.86 -2.07
N GLY A 36 12.00 -10.10 -1.69
CA GLY A 36 11.12 -11.20 -1.97
C GLY A 36 10.05 -11.48 -0.94
N GLN A 37 10.10 -10.80 0.21
CA GLN A 37 9.14 -11.01 1.27
C GLN A 37 7.90 -10.13 1.06
N ASP A 38 6.88 -10.39 1.85
CA ASP A 38 5.59 -9.70 1.81
C ASP A 38 5.57 -8.54 2.83
N MET A 39 4.46 -7.85 2.91
CA MET A 39 4.33 -6.67 3.78
C MET A 39 2.91 -6.65 4.37
N THR A 40 2.80 -6.33 5.65
CA THR A 40 1.50 -6.20 6.28
C THR A 40 0.79 -4.94 5.82
N ARG A 41 -0.53 -4.97 5.95
CA ARG A 41 -1.35 -3.78 5.72
C ARG A 41 -0.96 -2.60 6.63
N ALA A 42 -0.60 -2.93 7.88
CA ALA A 42 -0.08 -1.92 8.80
C ALA A 42 1.19 -1.24 8.26
N GLU A 43 2.15 -2.05 7.84
CA GLU A 43 3.40 -1.52 7.31
C GLU A 43 3.13 -0.68 6.05
N PHE A 44 2.24 -1.15 5.18
CA PHE A 44 1.95 -0.43 3.96
C PHE A 44 1.22 0.90 4.21
N ALA A 45 0.37 0.94 5.24
CA ALA A 45 -0.24 2.21 5.63
C ALA A 45 0.86 3.23 5.97
N LYS A 46 1.89 2.79 6.69
CA LYS A 46 3.00 3.69 6.98
C LYS A 46 3.72 4.14 5.69
N VAL A 47 3.99 3.22 4.77
CA VAL A 47 4.54 3.60 3.48
C VAL A 47 3.72 4.69 2.82
N LEU A 48 2.40 4.53 2.77
CA LEU A 48 1.52 5.51 2.12
C LEU A 48 1.60 6.86 2.81
N VAL A 49 1.62 6.86 4.13
CA VAL A 49 1.71 8.11 4.88
C VAL A 49 2.99 8.86 4.51
N LYS A 50 4.11 8.13 4.47
CA LYS A 50 5.39 8.75 4.16
C LYS A 50 5.45 9.18 2.68
N LEU A 51 4.97 8.31 1.80
CA LEU A 51 5.01 8.56 0.36
C LEU A 51 4.23 9.82 -0.03
N PHE A 52 3.05 9.99 0.57
CA PHE A 52 2.16 11.09 0.22
C PHE A 52 2.18 12.24 1.23
N GLY A 53 3.03 12.17 2.25
CA GLY A 53 3.14 13.27 3.19
C GLY A 53 1.88 13.50 4.00
N LEU A 54 1.25 12.41 4.42
CA LEU A 54 0.02 12.50 5.19
C LEU A 54 0.34 12.75 6.68
N LYS A 55 -0.59 13.41 7.37
CA LYS A 55 -0.41 13.65 8.79
C LYS A 55 -0.89 12.44 9.58
N GLU A 56 -0.03 11.95 10.44
CA GLU A 56 -0.43 10.89 11.35
C GLU A 56 -1.58 11.35 12.21
N ILE A 57 -2.51 10.42 12.51
CA ILE A 57 -3.68 10.75 13.34
C ILE A 57 -3.57 9.96 14.63
N HIS A 58 -3.25 10.67 15.72
CA HIS A 58 -3.14 10.08 17.05
C HIS A 58 -4.43 10.20 17.84
N GLY A 59 -4.78 9.19 18.61
CA GLY A 59 -5.93 9.24 19.52
C GLY A 59 -7.29 9.07 18.87
N GLN A 60 -7.30 8.46 17.69
CA GLN A 60 -8.55 8.05 17.04
C GLN A 60 -8.40 6.61 16.62
N TYR A 61 -9.47 5.82 16.76
CA TYR A 61 -9.49 4.38 16.44
C TYR A 61 -10.76 4.09 15.68
N SER A 62 -10.63 3.68 14.42
CA SER A 62 -11.78 3.48 13.53
C SER A 62 -12.13 2.00 13.34
N TYR A 63 -11.36 1.10 13.96
CA TYR A 63 -11.49 -0.33 13.71
C TYR A 63 -11.55 -1.07 15.05
N LYS A 64 -12.06 -2.30 14.96
CA LYS A 64 -12.32 -3.15 16.13
C LYS A 64 -11.50 -4.41 16.12
N ASP A 65 -10.48 -4.47 15.25
CA ASP A 65 -9.53 -5.57 15.27
C ASP A 65 -8.98 -5.75 16.68
N LYS A 66 -8.80 -6.99 17.07
CA LYS A 66 -8.14 -7.24 18.36
C LYS A 66 -6.76 -6.61 18.37
N ASN A 67 -6.47 -5.91 19.46
CA ASN A 67 -5.21 -5.22 19.65
C ASN A 67 -4.97 -4.04 18.71
N TYR A 68 -6.03 -3.53 18.12
CA TYR A 68 -6.01 -2.23 17.45
C TYR A 68 -6.52 -1.20 18.44
N ASP A 69 -5.59 -0.39 18.97
CA ASP A 69 -5.86 0.53 20.09
C ASP A 69 -4.64 1.42 20.27
N ALA A 70 -4.60 2.21 21.34
CA ALA A 70 -3.53 3.14 21.57
C ALA A 70 -2.16 2.52 21.71
N LYS A 71 -2.08 1.22 22.01
CA LYS A 71 -0.78 0.55 22.10
C LYS A 71 -0.25 0.00 20.77
N ASN A 72 -1.03 0.13 19.72
CA ASN A 72 -0.65 -0.38 18.41
C ASN A 72 0.09 0.73 17.64
N TRP A 73 1.37 0.50 17.34
CA TRP A 73 2.22 1.50 16.70
C TRP A 73 1.68 1.96 15.37
N ALA A 74 0.91 1.10 14.70
CA ALA A 74 0.43 1.41 13.35
C ALA A 74 -0.85 2.23 13.30
N ALA A 75 -1.54 2.38 14.43
CA ALA A 75 -2.82 3.09 14.44
C ALA A 75 -2.72 4.51 13.86
N PRO A 76 -1.69 5.29 14.21
CA PRO A 76 -1.65 6.63 13.63
C PRO A 76 -1.53 6.66 12.11
N PHE A 77 -0.90 5.62 11.55
CA PHE A 77 -0.75 5.50 10.11
C PHE A 77 -2.02 5.00 9.45
N ILE A 78 -2.62 3.98 10.04
CA ILE A 78 -3.89 3.41 9.55
C ILE A 78 -5.00 4.45 9.58
N GLU A 79 -5.04 5.21 10.68
CA GLU A 79 -6.03 6.30 10.74
C GLU A 79 -5.79 7.35 9.70
N ALA A 80 -4.55 7.71 9.42
CA ALA A 80 -4.29 8.70 8.38
C ALA A 80 -4.78 8.22 7.00
N VAL A 81 -4.42 6.97 6.63
CA VAL A 81 -4.84 6.52 5.30
C VAL A 81 -6.37 6.33 5.24
N THR A 82 -7.00 6.06 6.37
CA THR A 82 -8.46 5.93 6.45
C THR A 82 -9.08 7.32 6.23
N ALA A 83 -8.58 8.32 6.97
CA ALA A 83 -9.12 9.69 6.83
C ALA A 83 -8.92 10.25 5.40
N GLU A 84 -7.83 9.84 4.76
CA GLU A 84 -7.51 10.28 3.41
C GLU A 84 -8.34 9.56 2.36
N GLY A 85 -9.03 8.46 2.71
CA GLY A 85 -9.82 7.69 1.76
C GLY A 85 -9.03 6.66 0.96
N LEU A 86 -7.80 6.35 1.37
CA LEU A 86 -6.98 5.41 0.64
C LEU A 86 -7.23 3.94 1.04
N MET A 87 -7.49 3.70 2.32
CA MET A 87 -7.74 2.37 2.84
C MET A 87 -8.99 2.44 3.73
N GLN A 88 -9.63 1.31 3.86
CA GLN A 88 -10.81 1.18 4.69
C GLN A 88 -10.89 -0.25 5.19
N ALA A 89 -11.98 -0.57 5.89
CA ALA A 89 -12.13 -1.90 6.42
C ALA A 89 -12.27 -2.93 5.30
N LYS A 90 -11.93 -4.17 5.62
CA LYS A 90 -12.39 -5.30 4.81
C LYS A 90 -13.85 -5.69 5.13
N ASP A 91 -14.33 -5.34 6.32
CA ASP A 91 -15.65 -5.71 6.79
C ASP A 91 -16.21 -4.50 7.48
N LEU A 92 -17.20 -3.86 6.85
CA LEU A 92 -17.84 -2.65 7.37
C LEU A 92 -18.85 -2.88 8.50
N THR A 93 -19.17 -4.15 8.79
CA THR A 93 -20.04 -4.47 9.93
C THR A 93 -19.21 -4.67 11.19
N LYS A 94 -18.21 -5.55 11.13
CA LYS A 94 -17.36 -5.81 12.28
C LYS A 94 -16.27 -4.74 12.40
N LYS A 95 -16.08 -3.92 11.36
CA LYS A 95 -15.09 -2.80 11.39
C LYS A 95 -13.66 -3.34 11.50
N ILE A 96 -13.37 -4.31 10.65
CA ILE A 96 -12.08 -5.03 10.71
C ILE A 96 -11.18 -4.56 9.56
N PHE A 97 -10.02 -3.99 9.91
CA PHE A 97 -9.07 -3.54 8.92
C PHE A 97 -8.15 -4.67 8.43
N ASP A 98 -7.91 -5.64 9.31
CA ASP A 98 -6.95 -6.73 9.08
C ASP A 98 -5.54 -6.16 9.00
N PHE A 99 -5.10 -5.54 10.09
CA PHE A 99 -3.84 -4.82 10.10
C PHE A 99 -2.62 -5.71 9.94
N ASN A 100 -2.73 -6.98 10.36
CA ASN A 100 -1.64 -7.89 10.24
C ASN A 100 -1.69 -8.76 8.99
N GLY A 101 -2.79 -8.68 8.25
CA GLY A 101 -2.85 -9.36 6.98
C GLY A 101 -1.89 -8.72 5.99
N LYS A 102 -1.45 -9.52 5.02
CA LYS A 102 -0.51 -9.02 4.02
C LYS A 102 -1.26 -8.22 2.94
N ILE A 103 -0.67 -7.10 2.55
CA ILE A 103 -1.26 -6.29 1.48
C ILE A 103 -1.15 -7.04 0.15
N THR A 104 -2.25 -7.09 -0.60
CA THR A 104 -2.20 -7.74 -1.89
C THR A 104 -1.94 -6.73 -2.99
N VAL A 105 -1.59 -7.25 -4.18
CA VAL A 105 -1.33 -6.41 -5.33
C VAL A 105 -2.55 -5.55 -5.64
N GLU A 106 -3.74 -6.16 -5.68
CA GLU A 106 -4.92 -5.38 -6.00
C GLU A 106 -5.27 -4.36 -4.92
N GLU A 107 -5.05 -4.67 -3.66
CA GLU A 107 -5.26 -3.70 -2.57
C GLU A 107 -4.32 -2.51 -2.73
N ALA A 108 -3.04 -2.81 -2.94
CA ALA A 108 -2.08 -1.73 -3.15
C ALA A 108 -2.47 -0.89 -4.36
N SER A 109 -2.95 -1.57 -5.41
CA SER A 109 -3.41 -0.86 -6.61
C SER A 109 -4.50 0.14 -6.26
N LYS A 110 -5.53 -0.28 -5.50
CA LYS A 110 -6.59 0.66 -5.12
C LYS A 110 -5.99 1.88 -4.41
N THR A 111 -5.11 1.66 -3.45
CA THR A 111 -4.59 2.80 -2.66
C THR A 111 -3.87 3.81 -3.55
N LEU A 112 -3.08 3.31 -4.49
CA LEU A 112 -2.26 4.19 -5.30
C LEU A 112 -3.05 4.86 -6.42
N VAL A 113 -3.96 4.11 -7.04
CA VAL A 113 -4.87 4.69 -8.04
C VAL A 113 -5.69 5.81 -7.40
N THR A 114 -6.15 5.58 -6.18
CA THR A 114 -6.91 6.60 -5.46
C THR A 114 -6.06 7.83 -5.13
N ALA A 115 -4.87 7.60 -4.58
CA ALA A 115 -3.99 8.71 -4.23
C ALA A 115 -3.56 9.53 -5.44
N LEU A 116 -3.33 8.84 -6.55
CA LEU A 116 -2.91 9.48 -7.79
C LEU A 116 -4.05 10.05 -8.62
N LYS A 117 -5.29 9.89 -8.17
CA LYS A 117 -6.45 10.37 -8.91
C LYS A 117 -6.50 9.83 -10.32
N LEU A 118 -6.28 8.54 -10.45
CA LEU A 118 -6.46 7.82 -11.70
C LEU A 118 -7.86 7.20 -11.71
N GLU A 119 -8.48 7.16 -12.88
CA GLU A 119 -9.82 6.61 -13.01
C GLU A 119 -9.77 5.08 -13.06
N PRO A 120 -10.50 4.39 -12.15
CA PRO A 120 -10.62 2.95 -12.33
C PRO A 120 -11.20 2.62 -13.70
N VAL A 121 -10.74 1.52 -14.30
CA VAL A 121 -11.12 1.25 -15.68
C VAL A 121 -12.48 0.57 -15.74
N LYS A 122 -13.38 1.18 -16.51
CA LYS A 122 -14.71 0.58 -16.73
C LYS A 122 -14.57 -0.62 -17.64
N ASP A 123 -15.36 -1.67 -17.34
CA ASP A 123 -15.35 -2.91 -18.10
C ASP A 123 -14.02 -3.61 -17.99
N ALA A 124 -13.31 -3.38 -16.88
CA ALA A 124 -12.06 -4.07 -16.64
C ALA A 124 -12.30 -5.56 -16.61
N GLN A 125 -11.45 -6.28 -17.30
CA GLN A 125 -11.52 -7.73 -17.36
C GLN A 125 -10.11 -8.18 -17.16
N ASN A 126 -9.89 -8.81 -16.00
CA ASN A 126 -8.57 -9.24 -15.58
C ASN A 126 -8.72 -10.23 -14.44
N LYS A 127 -7.60 -10.58 -13.83
CA LYS A 127 -7.58 -11.65 -12.80
C LYS A 127 -8.08 -11.19 -11.44
N ALA A 128 -8.40 -9.90 -11.26
CA ALA A 128 -8.63 -9.38 -9.90
C ALA A 128 -9.96 -9.82 -9.33
N THR A 129 -10.04 -9.76 -8.01
CA THR A 129 -11.32 -9.88 -7.31
C THR A 129 -12.29 -8.84 -7.86
N ASP A 130 -13.58 -9.15 -7.95
CA ASP A 130 -14.55 -8.26 -8.61
C ASP A 130 -14.43 -6.78 -8.19
N TRP A 131 -14.40 -6.50 -6.90
CA TRP A 131 -14.32 -5.11 -6.41
C TRP A 131 -13.10 -4.34 -6.90
N ALA A 132 -12.03 -5.09 -7.22
CA ALA A 132 -10.74 -4.52 -7.53
C ALA A 132 -10.38 -4.47 -9.02
N LYS A 133 -11.20 -5.05 -9.89
CA LYS A 133 -10.80 -5.15 -11.30
C LYS A 133 -10.46 -3.80 -11.91
N GLY A 134 -11.30 -2.81 -11.66
CA GLY A 134 -11.06 -1.48 -12.19
C GLY A 134 -9.81 -0.81 -11.64
N TYR A 135 -9.57 -0.97 -10.35
CA TYR A 135 -8.36 -0.41 -9.72
C TYR A 135 -7.12 -1.08 -10.26
N PHE A 136 -7.12 -2.39 -10.30
CA PHE A 136 -5.96 -3.13 -10.77
C PHE A 136 -5.65 -2.75 -12.22
N GLU A 137 -6.70 -2.69 -13.05
CA GLU A 137 -6.45 -2.35 -14.46
C GLU A 137 -5.83 -0.96 -14.59
N ALA A 138 -6.35 0.00 -13.83
CA ALA A 138 -5.80 1.33 -13.90
C ALA A 138 -4.31 1.33 -13.45
N ALA A 139 -4.01 0.54 -12.43
CA ALA A 139 -2.62 0.44 -11.94
C ALA A 139 -1.68 -0.18 -13.00
N VAL A 140 -2.13 -1.25 -13.64
CA VAL A 140 -1.39 -1.89 -14.74
C VAL A 140 -1.18 -0.87 -15.86
N ASN A 141 -2.25 -0.16 -16.25
CA ASN A 141 -2.15 0.71 -17.39
C ASN A 141 -1.20 1.87 -17.10
N ALA A 142 -1.07 2.28 -15.84
CA ALA A 142 -0.15 3.32 -15.42
C ALA A 142 1.28 2.82 -15.13
N GLY A 143 1.51 1.52 -15.24
CA GLY A 143 2.84 0.98 -15.00
C GLY A 143 3.19 0.79 -13.53
N LEU A 144 2.20 0.87 -12.64
CA LEU A 144 2.48 0.67 -11.22
C LEU A 144 2.79 -0.78 -10.89
N PHE A 145 2.13 -1.71 -11.58
CA PHE A 145 2.40 -3.15 -11.46
C PHE A 145 2.54 -3.66 -12.88
N SER A 146 3.37 -4.70 -13.07
CA SER A 146 3.55 -5.32 -14.36
C SER A 146 2.32 -6.06 -14.80
N LYS A 147 2.22 -6.26 -16.11
CA LYS A 147 0.99 -6.82 -16.66
C LYS A 147 0.68 -8.23 -16.15
N ASP A 148 1.69 -9.00 -15.76
CA ASP A 148 1.49 -10.39 -15.31
C ASP A 148 1.50 -10.56 -13.80
N ALA A 149 1.49 -9.45 -13.08
CA ALA A 149 1.31 -9.52 -11.63
C ALA A 149 -0.04 -10.19 -11.32
N ASN A 150 -0.08 -11.00 -10.25
CA ASN A 150 -1.34 -11.59 -9.83
C ASN A 150 -2.01 -10.61 -8.86
N PRO A 151 -3.14 -10.00 -9.25
CA PRO A 151 -3.81 -9.06 -8.34
C PRO A 151 -4.14 -9.65 -6.97
N LYS A 152 -4.50 -10.94 -6.93
CA LYS A 152 -4.86 -11.59 -5.69
C LYS A 152 -3.71 -12.02 -4.79
N ALA A 153 -2.49 -11.98 -5.31
CA ALA A 153 -1.34 -12.40 -4.53
C ALA A 153 -0.94 -11.31 -3.55
N ASN A 154 -0.31 -11.73 -2.48
CA ASN A 154 0.39 -10.79 -1.60
C ASN A 154 1.44 -10.08 -2.44
N ALA A 155 1.48 -8.77 -2.34
CA ALA A 155 2.50 -8.03 -3.06
C ALA A 155 3.87 -8.21 -2.40
N THR A 156 4.90 -8.51 -3.20
CA THR A 156 6.23 -8.53 -2.64
C THR A 156 6.73 -7.13 -2.36
N ARG A 157 7.72 -7.06 -1.48
CA ARG A 157 8.38 -5.79 -1.24
C ARG A 157 8.99 -5.19 -2.53
N ALA A 158 9.52 -6.03 -3.43
CA ALA A 158 9.93 -5.54 -4.71
C ALA A 158 8.82 -4.83 -5.47
N GLN A 159 7.68 -5.52 -5.56
CA GLN A 159 6.56 -4.92 -6.29
C GLN A 159 6.11 -3.62 -5.64
N LEU A 160 6.11 -3.59 -4.32
CA LEU A 160 5.66 -2.37 -3.62
C LEU A 160 6.66 -1.22 -3.79
N VAL A 161 7.95 -1.54 -3.81
CA VAL A 161 8.97 -0.55 -4.15
C VAL A 161 8.78 -0.01 -5.55
N GLU A 162 8.60 -0.89 -6.52
CA GLU A 162 8.41 -0.43 -7.89
C GLU A 162 7.19 0.46 -8.03
N ALA A 163 6.10 0.07 -7.41
CA ALA A 163 4.88 0.84 -7.46
C ALA A 163 4.99 2.18 -6.75
N ALA A 164 5.58 2.17 -5.55
CA ALA A 164 5.75 3.41 -4.77
C ALA A 164 6.67 4.39 -5.50
N PHE A 165 7.73 3.86 -6.08
CA PHE A 165 8.67 4.70 -6.79
C PHE A 165 7.99 5.40 -7.98
N ALA A 166 7.18 4.64 -8.72
CA ALA A 166 6.43 5.20 -9.85
C ALA A 166 5.40 6.22 -9.37
N ALA A 167 4.74 5.92 -8.26
CA ALA A 167 3.79 6.88 -7.70
C ALA A 167 4.45 8.17 -7.29
N ASP A 168 5.62 8.07 -6.69
CA ASP A 168 6.39 9.25 -6.31
C ASP A 168 6.75 10.06 -7.55
N GLU A 169 7.24 9.39 -8.61
CA GLU A 169 7.58 10.08 -9.86
C GLU A 169 6.36 10.86 -10.37
N MET A 170 5.18 10.24 -10.28
CA MET A 170 3.92 10.86 -10.74
C MET A 170 3.33 11.95 -9.85
N SER A 171 3.94 12.17 -8.71
CA SER A 171 3.49 13.14 -7.68
C SER A 171 4.41 14.36 -7.56
N LYS A 172 5.57 14.33 -8.21
CA LYS A 172 6.58 15.40 -8.07
C LYS A 172 6.19 16.78 -8.62
N GLY A 173 5.74 16.83 -9.88
CA GLY A 173 5.29 18.10 -10.52
C GLY A 173 3.98 18.67 -10.03
C8 6LA B . -15.49 -2.30 2.49
C7 6LA B . -14.88 -2.76 1.19
O7 6LA B . -15.58 -2.76 0.17
N2 6LA B . -13.58 -3.14 1.24
C2 6LA B . -12.93 -3.70 0.04
C3 6LA B . -11.82 -2.80 -0.53
O3 6LA B . -12.36 -1.52 -0.80
C4 6LA B . -10.64 -2.74 0.37
O4 6LA B . -9.54 -2.07 -0.31
CAB 6LA B . -8.38 -2.02 0.48
CAK 6LA B . -7.28 -1.42 -0.40
CAL 6LA B . -8.54 -1.11 1.68
OAN 6LA B . -9.34 -0.18 1.57
OAM 6LA B . -7.78 -1.33 2.62
O6 6LA B . -7.99 -3.32 0.91
C6 6LA B . -8.96 -4.04 1.63
C5 6LA B . -10.18 -4.10 0.70
O5 6LA B . -11.23 -4.83 1.34
C1 6LA B . -12.29 -5.07 0.38
O1 6LA B . -13.21 -5.90 1.05
CAU 6LA B . -12.78 -7.26 1.19
#